data_7OFP
#
_entry.id   7OFP
#
_cell.length_a   123.830
_cell.length_b   123.830
_cell.length_c   112.668
_cell.angle_alpha   90.000
_cell.angle_beta   90.000
_cell.angle_gamma   120.000
#
_symmetry.space_group_name_H-M   'P 65'
#
loop_
_entity.id
_entity.type
_entity.pdbx_description
1 polymer 'AP-2 complex subunit mu'
2 non-polymer GLYCEROL
3 non-polymer 'CITRIC ACID'
4 water water
#
_entity_poly.entity_id   1
_entity_poly.type   'polypeptide(L)'
_entity_poly.pdbx_seq_one_letter_code
;MHHHHHHQIGWRREGIKYRRNELFLDVLESVNLLMSPQGQVLSAHVSGRVVMKSYLSGMPECKFGMNDKIVIEKQGKGTA
DETSKSGKQSIAIDDCTFHQCVRLSKFDSERSISFIPPDGEFELMRYRTTKDIILPFRVIPLVREVGRTKLEVKVVIKSN
FKPSLLAQKIEVRIPTPLNTSGVQVICMKGKAKYKASENAIVWKIKRMAGMKESQISAEIELLPTNDKKKWARPPISMNF
EVPFAPSGLKVRYLKVFEPKLNYSDHDVIKWVRYIGRSGIYETRC
;
_entity_poly.pdbx_strand_id   A,B
#
loop_
_chem_comp.id
_chem_comp.type
_chem_comp.name
_chem_comp.formula
CIT non-polymer 'CITRIC ACID' 'C6 H8 O7'
GOL non-polymer GLYCEROL 'C3 H8 O3'
#
# COMPACT_ATOMS: atom_id res chain seq x y z
N GLN A 8 -16.04 10.58 33.56
CA GLN A 8 -17.01 10.85 32.49
C GLN A 8 -16.35 10.68 31.12
N ILE A 9 -15.38 9.77 31.02
CA ILE A 9 -14.59 9.59 29.81
C ILE A 9 -14.86 8.19 29.25
N GLY A 10 -15.43 8.14 28.05
CA GLY A 10 -15.80 6.85 27.49
C GLY A 10 -14.65 5.89 27.24
N TRP A 11 -13.45 6.41 27.00
CA TRP A 11 -12.33 5.58 26.56
C TRP A 11 -11.31 5.32 27.65
N ARG A 12 -11.59 5.71 28.88
CA ARG A 12 -10.62 5.53 29.97
C ARG A 12 -11.40 5.48 31.28
N ARG A 13 -11.23 4.37 32.00
CA ARG A 13 -11.85 4.19 33.31
C ARG A 13 -11.07 4.94 34.37
N GLU A 14 -11.75 5.19 35.48
CA GLU A 14 -11.17 5.74 36.70
C GLU A 14 -10.48 4.64 37.49
N GLY A 15 -9.54 5.04 38.34
CA GLY A 15 -8.83 4.13 39.19
C GLY A 15 -7.59 3.49 38.62
N ILE A 16 -7.17 3.86 37.40
CA ILE A 16 -5.96 3.27 36.87
C ILE A 16 -4.77 3.65 37.72
N LYS A 17 -3.97 2.64 38.09
CA LYS A 17 -2.76 2.86 38.90
C LYS A 17 -1.59 2.07 38.35
N TYR A 18 -0.45 2.69 38.21
CA TYR A 18 0.79 2.03 37.81
C TYR A 18 1.83 2.37 38.86
N ARG A 19 2.70 1.39 39.18
CA ARG A 19 3.84 1.65 40.05
C ARG A 19 4.76 2.67 39.42
N ARG A 20 4.92 2.59 38.11
CA ARG A 20 5.82 3.49 37.38
C ARG A 20 5.03 4.10 36.21
N ASN A 21 4.84 5.41 36.26
CA ASN A 21 4.18 6.13 35.18
C ASN A 21 5.11 6.25 33.97
N GLU A 22 4.61 5.79 32.83
CA GLU A 22 5.39 5.78 31.59
C GLU A 22 4.51 6.17 30.41
N LEU A 23 5.15 6.81 29.43
CA LEU A 23 4.47 7.25 28.22
C LEU A 23 5.42 7.08 27.05
N PHE A 24 5.08 6.17 26.13
CA PHE A 24 5.88 5.88 24.96
C PHE A 24 5.15 6.36 23.71
N LEU A 25 5.91 6.90 22.76
CA LEU A 25 5.35 7.47 21.53
C LEU A 25 6.24 7.07 20.37
N ASP A 26 5.66 6.43 19.37
CA ASP A 26 6.31 6.05 18.12
C ASP A 26 5.73 6.86 16.96
N VAL A 27 6.59 7.55 16.24
CA VAL A 27 6.23 8.21 14.99
C VAL A 27 6.59 7.23 13.89
N LEU A 28 5.57 6.60 13.28
CA LEU A 28 5.74 5.54 12.30
C LEU A 28 5.38 6.08 10.92
N GLU A 29 6.35 6.05 10.01
CA GLU A 29 6.18 6.63 8.68
C GLU A 29 6.55 5.67 7.53
N SER A 30 5.79 5.75 6.45
CA SER A 30 6.08 5.05 5.20
C SER A 30 6.37 6.09 4.14
N VAL A 31 7.55 6.03 3.54
CA VAL A 31 7.94 7.00 2.53
C VAL A 31 7.75 6.34 1.16
N ASN A 32 7.10 7.06 0.29
CA ASN A 32 6.67 6.60 -1.03
C ASN A 32 7.31 7.50 -2.07
N LEU A 33 7.77 6.89 -3.16
CA LEU A 33 8.52 7.62 -4.16
C LEU A 33 8.30 6.96 -5.51
N LEU A 34 8.12 7.79 -6.54
CA LEU A 34 8.31 7.40 -7.91
C LEU A 34 9.37 8.32 -8.48
N MET A 35 10.42 7.76 -9.04
CA MET A 35 11.56 8.52 -9.49
C MET A 35 11.98 8.07 -10.89
N SER A 36 12.48 9.02 -11.66
CA SER A 36 12.88 8.74 -13.01
C SER A 36 14.29 8.17 -13.01
N PRO A 37 14.70 7.58 -14.13
CA PRO A 37 16.09 7.06 -14.20
C PRO A 37 17.15 8.08 -13.94
N GLN A 38 16.86 9.38 -14.11
CA GLN A 38 17.84 10.44 -13.95
C GLN A 38 17.72 11.13 -12.60
N GLY A 39 16.87 10.63 -11.71
CA GLY A 39 16.80 11.14 -10.36
C GLY A 39 15.77 12.21 -10.13
N GLN A 40 14.85 12.43 -11.06
CA GLN A 40 13.80 13.42 -10.83
C GLN A 40 12.71 12.79 -9.98
N VAL A 41 12.28 13.50 -8.97
CA VAL A 41 11.18 13.06 -8.12
C VAL A 41 9.90 13.32 -8.90
N LEU A 42 9.25 12.26 -9.36
CA LEU A 42 7.96 12.40 -10.06
C LEU A 42 6.82 12.53 -9.08
N SER A 43 6.84 11.74 -8.02
CA SER A 43 5.85 11.81 -6.94
C SER A 43 6.51 11.33 -5.64
N ALA A 44 6.19 11.95 -4.51
CA ALA A 44 6.62 11.42 -3.23
C ALA A 44 5.62 11.82 -2.18
N HIS A 45 5.39 10.94 -1.23
CA HIS A 45 4.65 11.36 -0.05
C HIS A 45 5.00 10.42 1.10
N VAL A 46 4.74 10.93 2.29
CA VAL A 46 4.81 10.15 3.51
C VAL A 46 3.41 9.90 4.02
N SER A 47 3.12 8.65 4.41
CA SER A 47 1.93 8.31 5.18
C SER A 47 2.43 7.95 6.60
N GLY A 48 1.90 8.65 7.60
CA GLY A 48 2.40 8.51 8.94
C GLY A 48 1.30 8.20 9.94
N ARG A 49 1.73 7.69 11.06
CA ARG A 49 0.84 7.54 12.20
C ARG A 49 1.64 7.69 13.47
N VAL A 50 0.97 8.13 14.55
CA VAL A 50 1.58 8.21 15.88
C VAL A 50 0.89 7.20 16.76
N VAL A 51 1.65 6.25 17.32
CA VAL A 51 1.14 5.22 18.20
C VAL A 51 1.69 5.54 19.57
N MET A 52 0.82 5.54 20.56
CA MET A 52 1.19 5.84 21.94
C MET A 52 0.91 4.62 22.77
N LYS A 53 1.75 4.40 23.77
CA LYS A 53 1.51 3.39 24.77
C LYS A 53 1.56 4.12 26.10
N SER A 54 0.43 4.18 26.78
CA SER A 54 0.24 5.00 27.98
C SER A 54 0.10 4.05 29.16
N TYR A 55 1.03 4.17 30.10
CA TYR A 55 0.95 3.49 31.37
C TYR A 55 0.98 4.56 32.46
N LEU A 56 -0.12 5.30 32.57
CA LEU A 56 -0.22 6.48 33.42
C LEU A 56 -1.33 6.26 34.43
N SER A 57 -1.07 6.70 35.66
CA SER A 57 -2.01 6.63 36.75
C SER A 57 -3.00 7.77 36.68
N GLY A 58 -4.25 7.47 37.07
CA GLY A 58 -5.24 8.52 37.21
C GLY A 58 -5.85 8.97 35.89
N MET A 59 -5.97 10.28 35.72
CA MET A 59 -6.60 10.87 34.55
C MET A 59 -5.66 11.93 33.98
N PRO A 60 -4.55 11.52 33.39
CA PRO A 60 -3.53 12.50 32.99
C PRO A 60 -3.99 13.32 31.81
N GLU A 61 -3.68 14.60 31.84
CA GLU A 61 -3.98 15.52 30.75
C GLU A 61 -2.68 15.71 29.99
N CYS A 62 -2.72 15.43 28.67
CA CYS A 62 -1.48 15.33 27.91
C CYS A 62 -1.59 16.40 26.80
N LYS A 63 -0.43 16.94 26.40
CA LYS A 63 -0.32 17.90 25.30
C LYS A 63 0.86 17.48 24.43
N PHE A 64 0.61 17.41 23.12
CA PHE A 64 1.56 16.91 22.13
C PHE A 64 1.74 18.02 21.12
N GLY A 65 2.96 18.53 21.02
CA GLY A 65 3.28 19.54 20.02
C GLY A 65 4.36 19.08 19.05
N MET A 66 4.17 19.45 17.81
CA MET A 66 5.13 19.09 16.76
C MET A 66 5.73 20.34 16.14
N ASN A 67 6.74 20.13 15.31
CA ASN A 67 7.31 21.24 14.54
C ASN A 67 6.47 21.67 13.34
N ASP A 68 5.62 20.82 12.83
CA ASP A 68 4.79 21.16 11.68
C ASP A 68 3.35 21.42 12.10
N LYS A 69 2.65 22.21 11.29
CA LYS A 69 1.24 22.46 11.47
C LYS A 69 0.47 21.18 11.16
N ILE A 70 -0.12 20.57 12.19
CA ILE A 70 -0.87 19.32 12.05
C ILE A 70 -2.37 19.54 12.18
N VAL A 71 -2.80 20.76 12.39
CA VAL A 71 -4.23 21.09 12.49
C VAL A 71 -4.47 22.17 11.44
N ILE A 72 -4.91 21.72 10.25
CA ILE A 72 -4.97 22.55 9.03
C ILE A 72 -4.02 23.75 9.09
N SER A 90 8.43 24.63 9.69
CA SER A 90 7.02 24.45 10.00
C SER A 90 6.18 24.35 8.72
N ILE A 91 6.42 23.29 7.94
CA ILE A 91 5.55 22.97 6.80
C ILE A 91 4.20 22.52 7.36
N ALA A 92 3.23 22.35 6.47
CA ALA A 92 1.93 21.83 6.87
C ALA A 92 1.84 20.35 6.50
N ILE A 93 1.01 19.65 7.25
CA ILE A 93 0.66 18.27 6.96
C ILE A 93 -0.61 18.28 6.12
N ASP A 94 -0.56 17.64 4.94
CA ASP A 94 -1.66 17.74 3.97
C ASP A 94 -2.99 17.33 4.58
N ASP A 95 -3.02 16.21 5.29
CA ASP A 95 -4.26 15.76 5.93
C ASP A 95 -3.87 15.01 7.20
N CYS A 96 -4.82 15.01 8.17
CA CYS A 96 -4.62 14.49 9.52
C CYS A 96 -5.94 14.04 10.09
N THR A 97 -5.98 12.85 10.64
CA THR A 97 -7.11 12.36 11.42
C THR A 97 -6.62 12.04 12.84
N PHE A 98 -7.53 12.15 13.81
CA PHE A 98 -7.17 12.01 15.23
C PHE A 98 -8.08 11.02 15.91
N HIS A 99 -7.51 10.34 16.87
CA HIS A 99 -8.27 9.52 17.80
C HIS A 99 -9.37 10.34 18.45
N GLN A 100 -10.46 9.65 18.83
CA GLN A 100 -11.59 10.31 19.46
C GLN A 100 -11.23 11.09 20.71
N CYS A 101 -10.14 10.76 21.42
CA CYS A 101 -9.78 11.51 22.62
C CYS A 101 -9.16 12.87 22.31
N VAL A 102 -8.85 13.17 21.07
CA VAL A 102 -8.02 14.33 20.79
C VAL A 102 -8.89 15.58 20.71
N ARG A 103 -8.40 16.67 21.27
CA ARG A 103 -9.05 17.97 21.22
C ARG A 103 -8.02 18.95 20.73
N LEU A 104 -8.51 19.99 20.10
CA LEU A 104 -7.72 21.15 19.68
C LEU A 104 -7.19 21.85 20.93
N SER A 105 -6.00 22.36 20.82
CA SER A 105 -5.38 23.08 21.91
C SER A 105 -5.77 24.54 21.86
N LYS A 106 -6.04 25.13 23.02
CA LYS A 106 -6.28 26.57 23.04
C LYS A 106 -5.06 27.36 22.56
N PHE A 107 -3.85 26.95 22.94
CA PHE A 107 -2.64 27.64 22.52
C PHE A 107 -1.77 26.74 21.64
N ASP A 108 -0.95 27.36 20.79
CA ASP A 108 -0.17 26.62 19.79
C ASP A 108 -1.13 25.69 19.05
N SER A 109 -2.29 26.26 18.66
CA SER A 109 -3.42 25.45 18.22
C SER A 109 -3.22 24.86 16.83
N GLU A 110 -2.22 25.31 16.10
CA GLU A 110 -1.97 24.74 14.78
C GLU A 110 -0.96 23.60 14.82
N ARG A 111 -0.08 23.54 15.85
CA ARG A 111 0.97 22.54 15.94
C ARG A 111 0.75 21.53 17.06
N SER A 112 -0.31 21.66 17.83
CA SER A 112 -0.44 20.84 19.02
C SER A 112 -1.88 20.38 19.23
N ILE A 113 -2.01 19.31 20.02
CA ILE A 113 -3.31 18.75 20.39
C ILE A 113 -3.24 18.43 21.86
N SER A 114 -4.44 18.25 22.46
CA SER A 114 -4.60 17.90 23.87
C SER A 114 -5.54 16.72 24.02
N PHE A 115 -5.32 15.93 25.06
CA PHE A 115 -6.12 14.71 25.20
C PHE A 115 -5.85 14.11 26.57
N ILE A 116 -6.87 13.45 27.10
CA ILE A 116 -6.72 12.41 28.11
C ILE A 116 -6.65 11.08 27.36
N PRO A 117 -5.52 10.36 27.41
CA PRO A 117 -5.35 9.17 26.53
C PRO A 117 -6.12 7.98 27.07
N PRO A 118 -6.51 7.07 26.20
CA PRO A 118 -6.85 5.72 26.66
C PRO A 118 -5.65 5.10 27.37
N ASP A 119 -5.95 4.07 28.17
CA ASP A 119 -4.92 3.27 28.83
C ASP A 119 -4.37 2.26 27.83
N GLY A 120 -3.07 1.99 27.94
CA GLY A 120 -2.41 1.08 27.02
C GLY A 120 -2.07 1.71 25.67
N GLU A 121 -2.16 0.89 24.62
CA GLU A 121 -1.72 1.30 23.31
C GLU A 121 -2.87 1.78 22.47
N PHE A 122 -2.64 2.83 21.72
CA PHE A 122 -3.66 3.37 20.85
C PHE A 122 -2.98 4.20 19.79
N GLU A 123 -3.68 4.40 18.67
CA GLU A 123 -3.22 5.29 17.62
C GLU A 123 -3.74 6.69 17.85
N LEU A 124 -2.84 7.64 18.03
CA LEU A 124 -3.19 9.01 18.36
C LEU A 124 -3.60 9.80 17.11
N MET A 125 -2.89 9.61 16.00
CA MET A 125 -3.22 10.33 14.78
C MET A 125 -2.57 9.64 13.59
N ARG A 126 -3.10 9.94 12.42
CA ARG A 126 -2.58 9.53 11.11
C ARG A 126 -2.50 10.78 10.26
N TYR A 127 -1.59 10.77 9.30
CA TYR A 127 -1.34 11.97 8.51
C TYR A 127 -0.63 11.59 7.21
N ARG A 128 -0.49 12.62 6.36
CA ARG A 128 0.16 12.51 5.06
C ARG A 128 0.92 13.80 4.83
N THR A 129 2.12 13.70 4.30
CA THR A 129 2.88 14.89 3.95
C THR A 129 3.39 14.71 2.53
N THR A 130 3.74 15.82 1.87
CA THR A 130 4.23 15.77 0.50
C THR A 130 5.41 16.67 0.26
N LYS A 131 5.77 17.55 1.18
CA LYS A 131 6.80 18.54 0.95
C LYS A 131 8.00 18.26 1.83
N ASP A 132 9.17 18.51 1.26
CA ASP A 132 10.41 18.50 2.02
C ASP A 132 10.65 17.12 2.63
N ILE A 133 10.36 16.08 1.88
CA ILE A 133 10.57 14.74 2.37
C ILE A 133 12.04 14.36 2.19
N ILE A 134 12.59 13.68 3.18
CA ILE A 134 13.91 13.09 3.04
C ILE A 134 13.77 11.76 2.29
N LEU A 135 14.38 11.69 1.12
CA LEU A 135 14.40 10.42 0.37
C LEU A 135 15.63 9.63 0.81
N PRO A 136 15.48 8.57 1.58
CA PRO A 136 16.67 7.97 2.19
C PRO A 136 17.61 7.33 1.22
N PHE A 137 17.10 6.83 0.11
CA PHE A 137 17.92 6.18 -0.92
C PHE A 137 17.63 6.75 -2.30
N ARG A 138 18.67 6.86 -3.09
CA ARG A 138 18.55 6.99 -4.53
C ARG A 138 19.05 5.73 -5.22
N VAL A 139 18.25 5.23 -6.16
CA VAL A 139 18.58 4.12 -7.05
C VAL A 139 18.96 4.73 -8.39
N ILE A 140 20.11 4.33 -8.91
CA ILE A 140 20.65 4.80 -10.18
C ILE A 140 20.80 3.61 -11.10
N PRO A 141 19.87 3.43 -12.04
CA PRO A 141 19.91 2.26 -12.91
C PRO A 141 20.62 2.52 -14.23
N LEU A 142 21.23 1.46 -14.72
CA LEU A 142 21.83 1.40 -16.05
C LEU A 142 21.48 0.04 -16.65
N VAL A 143 20.61 0.04 -17.66
CA VAL A 143 20.14 -1.18 -18.31
C VAL A 143 20.36 -0.95 -19.80
N ARG A 144 21.45 -1.51 -20.35
CA ARG A 144 21.83 -1.28 -21.74
CA ARG A 144 21.84 -1.28 -21.74
C ARG A 144 21.65 -2.56 -22.55
N GLU A 145 20.96 -2.45 -23.67
CA GLU A 145 20.82 -3.57 -24.60
C GLU A 145 22.15 -3.80 -25.33
N VAL A 146 22.52 -5.06 -25.47
CA VAL A 146 23.70 -5.47 -26.23
C VAL A 146 23.17 -6.48 -27.25
N GLY A 147 23.01 -6.04 -28.50
CA GLY A 147 22.39 -6.90 -29.49
C GLY A 147 20.93 -7.15 -29.17
N ARG A 148 20.47 -8.35 -29.51
CA ARG A 148 19.14 -8.81 -29.14
C ARG A 148 19.19 -9.95 -28.13
N THR A 149 20.38 -10.35 -27.72
CA THR A 149 20.57 -11.50 -26.85
C THR A 149 21.00 -11.14 -25.43
N LYS A 150 21.31 -9.88 -25.14
CA LYS A 150 21.93 -9.56 -23.86
C LYS A 150 21.48 -8.22 -23.32
N LEU A 151 21.29 -8.16 -22.00
CA LEU A 151 21.14 -6.91 -21.25
C LEU A 151 22.29 -6.85 -20.25
N GLU A 152 22.93 -5.70 -20.15
CA GLU A 152 23.93 -5.45 -19.13
C GLU A 152 23.27 -4.51 -18.13
N VAL A 153 23.29 -4.89 -16.86
CA VAL A 153 22.59 -4.14 -15.81
C VAL A 153 23.59 -3.73 -14.74
N LYS A 154 23.62 -2.46 -14.41
CA LYS A 154 24.28 -1.98 -13.21
C LYS A 154 23.30 -1.11 -12.47
N VAL A 155 23.16 -1.36 -11.17
CA VAL A 155 22.34 -0.54 -10.30
C VAL A 155 23.16 -0.14 -9.11
N VAL A 156 23.24 1.17 -8.89
CA VAL A 156 23.92 1.78 -7.76
C VAL A 156 22.87 2.29 -6.79
N ILE A 157 23.07 2.05 -5.51
CA ILE A 157 22.21 2.67 -4.49
C ILE A 157 23.03 3.60 -3.63
N LYS A 158 22.45 4.75 -3.31
CA LYS A 158 23.10 5.78 -2.51
C LYS A 158 22.21 6.05 -1.30
N SER A 159 22.81 5.98 -0.12
CA SER A 159 22.09 6.30 1.11
C SER A 159 22.27 7.77 1.42
N ASN A 160 21.18 8.45 1.72
CA ASN A 160 21.13 9.89 1.90
C ASN A 160 20.57 10.18 3.26
N PHE A 161 21.40 9.98 4.26
CA PHE A 161 21.07 10.35 5.64
C PHE A 161 22.39 10.34 6.43
N LYS A 162 22.32 10.65 7.72
CA LYS A 162 23.55 10.85 8.49
C LYS A 162 24.43 9.61 8.45
N PRO A 163 25.76 9.76 8.30
CA PRO A 163 26.65 8.58 8.30
C PRO A 163 26.64 7.78 9.58
N SER A 164 26.20 8.34 10.68
CA SER A 164 26.16 7.58 11.92
C SER A 164 24.87 6.80 12.07
N LEU A 165 23.93 6.91 11.13
CA LEU A 165 22.71 6.12 11.14
C LEU A 165 22.84 4.97 10.17
N LEU A 166 22.17 3.86 10.50
CA LEU A 166 22.11 2.66 9.67
C LEU A 166 20.67 2.42 9.20
N ALA A 167 20.49 2.26 7.89
CA ALA A 167 19.28 1.64 7.36
C ALA A 167 19.41 0.14 7.53
N GLN A 168 18.27 -0.52 7.64
CA GLN A 168 18.26 -1.98 7.77
C GLN A 168 17.22 -2.60 6.89
N LYS A 169 17.34 -3.92 6.70
CA LYS A 169 16.40 -4.74 5.92
C LYS A 169 16.14 -4.13 4.52
N ILE A 170 17.25 -3.94 3.84
CA ILE A 170 17.22 -3.33 2.51
C ILE A 170 17.02 -4.42 1.48
N GLU A 171 16.10 -4.17 0.56
CA GLU A 171 15.91 -5.09 -0.56
C GLU A 171 15.77 -4.25 -1.80
N VAL A 172 16.48 -4.62 -2.86
CA VAL A 172 16.32 -4.05 -4.18
C VAL A 172 15.85 -5.15 -5.11
N ARG A 173 14.80 -4.85 -5.87
CA ARG A 173 14.23 -5.80 -6.83
C ARG A 173 14.37 -5.23 -8.24
N ILE A 174 15.04 -5.99 -9.09
CA ILE A 174 15.36 -5.56 -10.45
C ILE A 174 14.65 -6.50 -11.41
N PRO A 175 13.75 -5.99 -12.24
CA PRO A 175 12.98 -6.88 -13.10
C PRO A 175 13.80 -7.37 -14.28
N THR A 176 13.44 -8.54 -14.77
CA THR A 176 14.01 -9.09 -16.00
C THR A 176 12.86 -9.41 -16.96
N PRO A 177 13.13 -9.42 -18.27
CA PRO A 177 12.06 -9.72 -19.25
C PRO A 177 11.68 -11.17 -19.28
N LEU A 178 10.48 -11.44 -19.81
CA LEU A 178 9.95 -12.82 -19.83
C LEU A 178 10.71 -13.75 -20.77
N ASN A 179 11.47 -13.21 -21.72
CA ASN A 179 12.34 -14.04 -22.54
C ASN A 179 13.72 -14.23 -21.93
N THR A 180 13.86 -13.97 -20.61
CA THR A 180 15.14 -14.21 -19.96
C THR A 180 15.44 -15.70 -19.95
N SER A 181 16.62 -16.07 -20.44
CA SER A 181 17.09 -17.46 -20.37
C SER A 181 18.13 -17.68 -19.30
N GLY A 182 18.88 -16.63 -18.93
CA GLY A 182 19.92 -16.80 -17.91
C GLY A 182 20.34 -15.48 -17.32
N VAL A 183 20.80 -15.52 -16.11
CA VAL A 183 21.24 -14.32 -15.41
C VAL A 183 22.52 -14.65 -14.65
N GLN A 184 23.48 -13.74 -14.71
CA GLN A 184 24.66 -13.81 -13.87
C GLN A 184 24.69 -12.52 -13.09
N VAL A 185 24.90 -12.60 -11.77
CA VAL A 185 24.78 -11.43 -10.93
C VAL A 185 25.94 -11.42 -9.95
N ILE A 186 26.46 -10.24 -9.67
CA ILE A 186 27.45 -10.04 -8.61
C ILE A 186 27.11 -8.73 -7.88
N CYS A 187 26.91 -8.84 -6.57
CA CYS A 187 26.69 -7.66 -5.78
C CYS A 187 27.94 -7.43 -4.94
N MET A 188 28.19 -6.16 -4.64
CA MET A 188 29.37 -5.72 -3.90
C MET A 188 29.16 -5.68 -2.39
N LYS A 189 27.92 -5.75 -1.94
CA LYS A 189 27.55 -5.81 -0.54
C LYS A 189 26.24 -6.60 -0.50
N GLY A 190 25.98 -7.26 0.62
CA GLY A 190 24.79 -8.07 0.81
C GLY A 190 24.81 -9.33 -0.05
N LYS A 191 23.63 -9.81 -0.40
CA LYS A 191 23.48 -11.04 -1.16
C LYS A 191 22.40 -10.87 -2.20
N ALA A 192 22.54 -11.52 -3.32
CA ALA A 192 21.58 -11.36 -4.39
C ALA A 192 21.32 -12.70 -5.02
N LYS A 193 20.13 -12.86 -5.55
CA LYS A 193 19.81 -14.05 -6.33
C LYS A 193 18.81 -13.71 -7.42
N TYR A 194 18.84 -14.50 -8.49
CA TYR A 194 17.81 -14.40 -9.51
C TYR A 194 16.63 -15.32 -9.14
N LYS A 195 15.43 -14.75 -9.04
CA LYS A 195 14.22 -15.54 -8.77
C LYS A 195 13.50 -15.68 -10.10
N ALA A 196 13.82 -16.74 -10.83
CA ALA A 196 13.41 -16.85 -12.23
C ALA A 196 11.89 -16.85 -12.36
N SER A 197 11.20 -17.53 -11.46
CA SER A 197 9.74 -17.58 -11.54
C SER A 197 9.10 -16.22 -11.32
N GLU A 198 9.81 -15.27 -10.67
CA GLU A 198 9.32 -13.94 -10.41
C GLU A 198 9.86 -12.91 -11.38
N ASN A 199 10.67 -13.33 -12.31
CA ASN A 199 11.42 -12.45 -13.21
C ASN A 199 11.99 -11.23 -12.46
N ALA A 200 12.76 -11.53 -11.42
CA ALA A 200 13.37 -10.47 -10.64
C ALA A 200 14.72 -10.93 -10.08
N ILE A 201 15.69 -10.04 -10.14
CA ILE A 201 16.89 -10.12 -9.30
C ILE A 201 16.56 -9.48 -7.95
N VAL A 202 16.76 -10.23 -6.87
CA VAL A 202 16.44 -9.77 -5.52
C VAL A 202 17.74 -9.63 -4.78
N TRP A 203 18.02 -8.41 -4.34
CA TRP A 203 19.27 -8.05 -3.70
C TRP A 203 18.95 -7.57 -2.31
N LYS A 204 19.54 -8.22 -1.30
CA LYS A 204 19.25 -7.94 0.10
C LYS A 204 20.49 -7.50 0.85
N ILE A 205 20.37 -6.45 1.63
CA ILE A 205 21.47 -5.91 2.43
C ILE A 205 20.97 -5.75 3.84
N LYS A 206 21.69 -6.32 4.80
CA LYS A 206 21.22 -6.30 6.20
C LYS A 206 21.27 -4.90 6.78
N ARG A 207 22.31 -4.15 6.46
CA ARG A 207 22.50 -2.85 7.07
C ARG A 207 23.32 -2.01 6.13
N MET A 208 23.11 -0.70 6.21
CA MET A 208 23.90 0.23 5.43
C MET A 208 23.88 1.61 6.06
N ALA A 209 25.06 2.17 6.23
CA ALA A 209 25.19 3.47 6.86
C ALA A 209 24.87 4.58 5.87
N GLY A 210 24.58 5.77 6.41
CA GLY A 210 24.33 6.91 5.55
C GLY A 210 25.55 7.41 4.79
N MET A 211 25.27 8.13 3.70
CA MET A 211 26.25 8.72 2.77
C MET A 211 27.21 7.70 2.20
N LYS A 212 26.68 6.54 1.82
CA LYS A 212 27.43 5.45 1.22
C LYS A 212 26.79 5.08 -0.13
N GLU A 213 27.51 4.29 -0.88
CA GLU A 213 26.97 3.70 -2.08
C GLU A 213 27.34 2.24 -2.14
N SER A 214 26.56 1.50 -2.89
CA SER A 214 26.89 0.14 -3.23
C SER A 214 26.27 -0.14 -4.58
N GLN A 215 26.61 -1.28 -5.16
CA GLN A 215 26.14 -1.53 -6.53
C GLN A 215 26.07 -3.02 -6.78
N ILE A 216 25.32 -3.34 -7.80
CA ILE A 216 25.10 -4.70 -8.24
C ILE A 216 25.24 -4.64 -9.75
N SER A 217 25.80 -5.70 -10.33
CA SER A 217 25.99 -5.86 -11.77
C SER A 217 25.40 -7.19 -12.18
N ALA A 218 24.77 -7.21 -13.34
CA ALA A 218 24.23 -8.44 -13.84
C ALA A 218 24.30 -8.47 -15.37
N GLU A 219 24.40 -9.68 -15.91
CA GLU A 219 24.24 -9.93 -17.32
C GLU A 219 23.03 -10.82 -17.48
N ILE A 220 22.14 -10.43 -18.38
CA ILE A 220 20.89 -11.15 -18.60
C ILE A 220 20.91 -11.66 -20.03
N GLU A 221 20.88 -12.98 -20.19
CA GLU A 221 20.78 -13.58 -21.52
C GLU A 221 19.31 -13.65 -21.93
N LEU A 222 19.05 -13.32 -23.19
CA LEU A 222 17.72 -13.28 -23.77
C LEU A 222 17.55 -14.31 -24.90
N LEU A 223 16.36 -14.91 -24.99
CA LEU A 223 16.00 -15.74 -26.12
C LEU A 223 15.61 -14.87 -27.32
N PRO A 224 15.85 -15.34 -28.56
CA PRO A 224 15.44 -14.53 -29.72
C PRO A 224 14.00 -14.05 -29.56
N THR A 225 13.08 -15.02 -29.36
CA THR A 225 11.66 -14.74 -29.10
C THR A 225 11.24 -13.47 -29.80
N ASN A 226 11.52 -13.41 -31.11
CA ASN A 226 11.04 -12.35 -31.96
C ASN A 226 9.57 -12.61 -32.32
N ASP A 227 8.90 -11.54 -32.76
CA ASP A 227 7.45 -11.48 -33.00
C ASP A 227 6.77 -10.74 -31.84
N LYS A 228 7.56 -10.24 -30.91
CA LYS A 228 7.07 -9.46 -29.78
C LYS A 228 7.46 -7.99 -29.98
N LYS A 229 6.90 -7.13 -29.15
CA LYS A 229 7.24 -5.72 -29.14
C LYS A 229 8.29 -5.45 -28.03
N LYS A 230 8.59 -4.18 -27.79
CA LYS A 230 9.64 -3.82 -26.84
C LYS A 230 9.24 -4.17 -25.40
N TRP A 231 10.23 -4.43 -24.57
CA TRP A 231 10.00 -4.78 -23.17
C TRP A 231 9.52 -3.55 -22.40
N ALA A 232 8.32 -3.62 -21.85
CA ALA A 232 7.78 -2.57 -20.97
C ALA A 232 8.35 -2.80 -19.57
N ARG A 233 9.40 -2.07 -19.22
CA ARG A 233 10.18 -2.37 -18.01
C ARG A 233 9.41 -2.00 -16.74
N PRO A 234 9.15 -2.93 -15.84
CA PRO A 234 8.69 -2.53 -14.53
C PRO A 234 9.77 -1.66 -13.87
N PRO A 235 9.42 -0.89 -12.85
CA PRO A 235 10.45 -0.14 -12.13
C PRO A 235 11.25 -1.06 -11.23
N ILE A 236 12.39 -0.55 -10.81
CA ILE A 236 13.14 -1.12 -9.70
C ILE A 236 12.51 -0.66 -8.41
N SER A 237 12.26 -1.60 -7.50
CA SER A 237 11.62 -1.31 -6.24
C SER A 237 12.60 -1.55 -5.11
N MET A 238 12.45 -0.76 -4.07
CA MET A 238 13.21 -0.90 -2.86
C MET A 238 12.33 -1.11 -1.65
N ASN A 239 12.84 -1.89 -0.72
CA ASN A 239 12.35 -1.93 0.65
C ASN A 239 13.49 -1.50 1.56
N PHE A 240 13.11 -0.87 2.69
CA PHE A 240 14.07 -0.53 3.73
C PHE A 240 13.36 -0.06 4.99
N GLU A 241 14.15 0.06 6.06
CA GLU A 241 13.80 0.70 7.32
C GLU A 241 14.92 1.62 7.77
N VAL A 242 14.55 2.77 8.28
CA VAL A 242 15.47 3.80 8.66
C VAL A 242 15.03 4.29 10.03
N PRO A 243 15.97 4.70 10.84
CA PRO A 243 15.68 5.13 12.22
C PRO A 243 15.40 6.62 12.31
N PHE A 244 14.55 7.10 11.42
CA PHE A 244 14.15 8.50 11.44
C PHE A 244 12.86 8.62 10.65
N ALA A 245 12.28 9.80 10.72
CA ALA A 245 11.01 10.13 10.08
C ALA A 245 11.29 10.90 8.79
N PRO A 246 11.12 10.29 7.63
CA PRO A 246 11.43 11.01 6.38
C PRO A 246 10.65 12.30 6.18
N SER A 247 9.47 12.44 6.82
CA SER A 247 8.72 13.70 6.68
C SER A 247 9.46 14.88 7.28
N GLY A 248 10.43 14.64 8.15
CA GLY A 248 11.01 15.72 8.93
C GLY A 248 10.20 16.11 10.17
N LEU A 249 9.06 15.47 10.41
CA LEU A 249 8.28 15.73 11.61
C LEU A 249 9.10 15.46 12.87
N LYS A 250 8.97 16.35 13.84
CA LYS A 250 9.68 16.23 15.12
C LYS A 250 8.71 16.57 16.24
N VAL A 251 8.78 15.82 17.34
CA VAL A 251 8.04 16.12 18.55
C VAL A 251 8.77 17.25 19.26
N ARG A 252 8.11 18.39 19.42
CA ARG A 252 8.70 19.53 20.13
C ARG A 252 8.43 19.40 21.63
N TYR A 253 7.27 18.89 22.01
CA TYR A 253 7.01 18.67 23.42
C TYR A 253 5.94 17.61 23.58
N LEU A 254 6.00 16.97 24.73
CA LEU A 254 5.06 15.93 25.14
C LEU A 254 4.82 16.20 26.62
N LYS A 255 3.71 16.84 26.96
CA LYS A 255 3.43 17.25 28.33
C LYS A 255 2.40 16.33 28.95
N VAL A 256 2.54 16.10 30.25
CA VAL A 256 1.61 15.26 31.01
C VAL A 256 1.38 15.98 32.34
N PHE A 257 0.13 16.06 32.78
CA PHE A 257 -0.16 16.62 34.11
C PHE A 257 -1.38 15.93 34.71
N GLU A 258 -1.24 15.52 35.96
CA GLU A 258 -2.30 14.86 36.71
C GLU A 258 -2.36 15.67 38.01
N PRO A 259 -3.35 16.56 38.13
CA PRO A 259 -3.39 17.46 39.32
C PRO A 259 -3.78 16.78 40.61
N LYS A 260 -4.63 15.76 40.54
CA LYS A 260 -5.08 15.06 41.73
C LYS A 260 -3.98 14.21 42.31
N LEU A 261 -3.30 13.43 41.49
CA LEU A 261 -2.14 12.69 41.96
C LEU A 261 -0.93 13.57 42.07
N ASN A 262 -0.95 14.73 41.41
CA ASN A 262 0.14 15.69 41.43
C ASN A 262 1.45 15.09 40.88
N TYR A 263 1.41 14.66 39.63
CA TYR A 263 2.64 14.38 38.91
C TYR A 263 2.55 15.02 37.54
N SER A 264 3.73 15.18 36.95
CA SER A 264 3.81 15.79 35.63
C SER A 264 4.82 15.00 34.76
N ASP A 265 4.95 15.41 33.49
CA ASP A 265 5.78 14.68 32.53
C ASP A 265 7.22 14.50 33.04
N HIS A 266 7.68 15.35 33.93
CA HIS A 266 9.03 15.13 34.46
C HIS A 266 9.10 14.06 35.55
N ASP A 267 7.99 13.50 36.00
CA ASP A 267 7.94 12.30 36.83
C ASP A 267 7.53 11.07 36.00
N VAL A 268 7.46 11.23 34.69
CA VAL A 268 7.02 10.15 33.81
C VAL A 268 8.25 9.69 33.05
N ILE A 269 8.38 8.38 32.88
CA ILE A 269 9.40 7.86 31.97
C ILE A 269 8.87 7.94 30.54
N LYS A 270 9.48 8.80 29.76
CA LYS A 270 9.08 9.05 28.39
C LYS A 270 10.07 8.44 27.40
N TRP A 271 9.55 8.05 26.23
CA TRP A 271 10.36 7.55 25.13
C TRP A 271 9.71 7.90 23.81
N VAL A 272 10.38 8.69 22.98
CA VAL A 272 9.90 9.07 21.65
C VAL A 272 10.81 8.43 20.62
N ARG A 273 10.23 7.66 19.73
CA ARG A 273 10.97 7.01 18.65
C ARG A 273 10.40 7.43 17.30
N TYR A 274 11.28 7.48 16.31
CA TYR A 274 10.96 7.80 14.94
C TYR A 274 11.38 6.60 14.10
N ILE A 275 10.41 5.97 13.44
CA ILE A 275 10.68 4.76 12.66
C ILE A 275 10.13 4.95 11.26
N GLY A 276 11.03 4.97 10.27
CA GLY A 276 10.69 5.13 8.87
C GLY A 276 10.81 3.82 8.10
N ARG A 277 9.95 3.66 7.12
CA ARG A 277 10.04 2.49 6.26
C ARG A 277 9.60 2.86 4.87
N SER A 278 10.07 2.08 3.88
CA SER A 278 9.59 2.26 2.51
C SER A 278 8.10 1.90 2.42
N GLY A 279 7.34 2.66 1.65
CA GLY A 279 6.05 2.18 1.13
C GLY A 279 6.25 1.64 -0.27
N ILE A 280 5.77 2.35 -1.27
CA ILE A 280 6.04 2.03 -2.69
C ILE A 280 7.18 2.97 -3.07
N TYR A 281 8.36 2.42 -3.30
CA TYR A 281 9.58 3.21 -3.48
C TYR A 281 10.22 2.73 -4.75
N GLU A 282 9.86 3.37 -5.86
CA GLU A 282 10.07 2.81 -7.19
C GLU A 282 10.87 3.77 -8.06
N THR A 283 11.79 3.23 -8.83
CA THR A 283 12.65 4.00 -9.72
C THR A 283 12.54 3.38 -11.10
N ARG A 284 12.17 4.20 -12.07
CA ARG A 284 12.07 3.70 -13.44
C ARG A 284 13.47 3.36 -13.96
N CYS A 285 13.53 2.33 -14.79
CA CYS A 285 14.79 1.90 -15.41
C CYS A 285 14.61 1.70 -16.94
N GLN B 8 -13.98 29.40 -22.52
CA GLN B 8 -14.67 28.44 -23.38
C GLN B 8 -14.89 27.10 -22.66
N ILE B 9 -13.96 26.74 -21.78
CA ILE B 9 -13.99 25.49 -21.03
C ILE B 9 -14.22 25.83 -19.55
N GLY B 10 -15.36 25.41 -19.01
CA GLY B 10 -15.72 25.79 -17.66
C GLY B 10 -14.80 25.28 -16.57
N TRP B 11 -14.16 24.12 -16.80
CA TRP B 11 -13.40 23.45 -15.76
C TRP B 11 -11.89 23.63 -15.92
N ARG B 12 -11.45 24.41 -16.90
CA ARG B 12 -10.01 24.59 -17.07
C ARG B 12 -9.71 25.99 -17.58
N ARG B 13 -8.81 26.68 -16.90
CA ARG B 13 -8.45 28.04 -17.27
C ARG B 13 -7.38 28.03 -18.35
N GLU B 14 -7.33 29.13 -19.09
CA GLU B 14 -6.26 29.36 -20.05
C GLU B 14 -4.98 29.77 -19.33
N GLY B 15 -3.84 29.53 -19.97
CA GLY B 15 -2.56 29.97 -19.49
C GLY B 15 -1.84 29.07 -18.52
N ILE B 16 -2.33 27.85 -18.27
CA ILE B 16 -1.63 26.95 -17.35
C ILE B 16 -0.27 26.59 -17.94
N LYS B 17 0.77 26.70 -17.13
CA LYS B 17 2.09 26.32 -17.58
C LYS B 17 2.81 25.59 -16.46
N TYR B 18 3.58 24.57 -16.84
CA TYR B 18 4.36 23.76 -15.93
C TYR B 18 5.73 23.55 -16.54
N ARG B 19 6.76 23.52 -15.68
CA ARG B 19 8.10 23.30 -16.19
C ARG B 19 8.25 21.88 -16.74
N ARG B 20 7.53 20.93 -16.13
CA ARG B 20 7.59 19.53 -16.56
C ARG B 20 6.15 19.03 -16.77
N ASN B 21 5.82 18.70 -17.99
CA ASN B 21 4.48 18.16 -18.26
C ASN B 21 4.39 16.73 -17.73
N GLU B 22 3.41 16.46 -16.87
CA GLU B 22 3.26 15.11 -16.34
C GLU B 22 1.79 14.77 -16.12
N LEU B 23 1.55 13.46 -16.09
CA LEU B 23 0.18 12.96 -15.96
C LEU B 23 0.22 11.67 -15.16
N PHE B 24 -0.59 11.58 -14.11
CA PHE B 24 -0.66 10.38 -13.27
C PHE B 24 -2.07 9.83 -13.33
N LEU B 25 -2.18 8.53 -13.47
CA LEU B 25 -3.47 7.87 -13.55
C LEU B 25 -3.44 6.69 -12.59
N ASP B 26 -4.37 6.68 -11.66
CA ASP B 26 -4.59 5.64 -10.66
C ASP B 26 -5.96 4.98 -10.89
N VAL B 27 -5.92 3.67 -11.11
CA VAL B 27 -7.08 2.80 -11.28
C VAL B 27 -7.26 2.18 -9.92
N LEU B 28 -8.25 2.64 -9.17
CA LEU B 28 -8.46 2.26 -7.78
C LEU B 28 -9.70 1.39 -7.73
N GLU B 29 -9.54 0.15 -7.25
CA GLU B 29 -10.60 -0.87 -7.26
C GLU B 29 -10.70 -1.56 -5.89
N SER B 30 -11.93 -1.90 -5.51
CA SER B 30 -12.21 -2.67 -4.32
C SER B 30 -12.92 -3.92 -4.81
N VAL B 31 -12.34 -5.10 -4.50
CA VAL B 31 -12.87 -6.37 -4.97
C VAL B 31 -13.58 -7.07 -3.81
N ASN B 32 -14.82 -7.50 -4.07
CA ASN B 32 -15.72 -8.09 -3.06
C ASN B 32 -16.13 -9.46 -3.51
N LEU B 33 -16.25 -10.38 -2.55
CA LEU B 33 -16.40 -11.78 -2.85
C LEU B 33 -17.14 -12.47 -1.70
N LEU B 34 -18.07 -13.35 -2.07
CA LEU B 34 -18.57 -14.37 -1.15
C LEU B 34 -18.44 -15.69 -1.86
N MET B 35 -17.62 -16.58 -1.29
CA MET B 35 -17.34 -17.88 -1.85
C MET B 35 -17.79 -18.98 -0.88
N SER B 36 -18.32 -20.06 -1.44
CA SER B 36 -18.78 -21.19 -0.62
C SER B 36 -17.57 -21.97 -0.14
N PRO B 37 -17.76 -22.89 0.80
CA PRO B 37 -16.61 -23.71 1.26
C PRO B 37 -15.99 -24.54 0.18
N GLN B 38 -16.76 -24.87 -0.85
CA GLN B 38 -16.31 -25.68 -1.97
C GLN B 38 -15.94 -24.86 -3.21
N GLY B 39 -15.62 -23.57 -3.04
CA GLY B 39 -15.11 -22.78 -4.14
C GLY B 39 -16.11 -22.30 -5.18
N GLN B 40 -17.39 -22.27 -4.84
CA GLN B 40 -18.40 -21.69 -5.70
C GLN B 40 -18.54 -20.21 -5.37
N VAL B 41 -18.46 -19.37 -6.40
CA VAL B 41 -18.65 -17.93 -6.23
C VAL B 41 -20.14 -17.65 -6.04
N LEU B 42 -20.52 -17.18 -4.87
CA LEU B 42 -21.91 -16.78 -4.68
C LEU B 42 -22.16 -15.42 -5.28
N SER B 43 -21.23 -14.50 -5.05
CA SER B 43 -21.34 -13.11 -5.47
C SER B 43 -19.91 -12.53 -5.56
N ALA B 44 -19.61 -11.75 -6.60
CA ALA B 44 -18.34 -11.03 -6.68
C ALA B 44 -18.65 -9.72 -7.35
N HIS B 45 -18.05 -8.65 -6.86
CA HIS B 45 -18.17 -7.39 -7.61
C HIS B 45 -16.95 -6.53 -7.31
N VAL B 46 -16.66 -5.65 -8.27
CA VAL B 46 -15.63 -4.63 -8.17
C VAL B 46 -16.29 -3.28 -8.27
N SER B 47 -15.95 -2.39 -7.32
CA SER B 47 -16.21 -0.96 -7.40
C SER B 47 -14.90 -0.28 -7.75
N GLY B 48 -14.90 0.56 -8.80
CA GLY B 48 -13.67 1.16 -9.27
C GLY B 48 -13.83 2.65 -9.52
N ARG B 49 -12.71 3.33 -9.52
CA ARG B 49 -12.63 4.70 -9.99
C ARG B 49 -11.26 4.93 -10.62
N VAL B 50 -11.27 5.83 -11.62
CA VAL B 50 -10.01 6.30 -12.21
C VAL B 50 -9.76 7.71 -11.76
N VAL B 51 -8.66 7.93 -11.07
CA VAL B 51 -8.30 9.26 -10.60
C VAL B 51 -7.13 9.73 -11.43
N MET B 52 -7.26 10.93 -11.97
CA MET B 52 -6.21 11.50 -12.79
C MET B 52 -5.63 12.70 -12.08
N LYS B 53 -4.33 12.81 -12.10
CA LYS B 53 -3.64 14.00 -11.62
C LYS B 53 -2.76 14.48 -12.75
N SER B 54 -3.05 15.65 -13.30
CA SER B 54 -2.25 16.14 -14.42
C SER B 54 -1.68 17.52 -14.12
N TYR B 55 -0.42 17.68 -14.50
CA TYR B 55 0.27 18.97 -14.54
C TYR B 55 0.71 19.17 -15.97
N LEU B 56 -0.24 19.62 -16.80
CA LEU B 56 -0.06 19.76 -18.24
C LEU B 56 -0.25 21.21 -18.61
N SER B 57 0.69 21.73 -19.38
CA SER B 57 0.56 23.10 -19.87
C SER B 57 -0.51 23.19 -20.97
N GLY B 58 -1.19 24.34 -21.02
CA GLY B 58 -2.07 24.68 -22.10
C GLY B 58 -3.42 24.02 -21.98
N MET B 59 -3.95 23.59 -23.13
CA MET B 59 -5.22 22.89 -23.22
C MET B 59 -4.99 21.51 -23.85
N PRO B 60 -4.38 20.59 -23.14
CA PRO B 60 -4.10 19.27 -23.72
C PRO B 60 -5.40 18.51 -24.05
N GLU B 61 -5.44 17.93 -25.26
CA GLU B 61 -6.49 17.03 -25.71
C GLU B 61 -6.08 15.61 -25.40
N CYS B 62 -6.87 14.91 -24.58
CA CYS B 62 -6.57 13.56 -24.15
C CYS B 62 -7.54 12.52 -24.71
N LYS B 63 -7.00 11.35 -25.00
CA LYS B 63 -7.80 10.22 -25.43
C LYS B 63 -7.26 9.03 -24.65
N PHE B 64 -8.11 8.42 -23.83
CA PHE B 64 -7.77 7.29 -22.99
C PHE B 64 -8.52 6.04 -23.43
N GLY B 65 -7.77 5.01 -23.77
CA GLY B 65 -8.30 3.77 -24.26
C GLY B 65 -8.02 2.64 -23.33
N MET B 66 -9.03 1.83 -23.07
CA MET B 66 -8.92 0.67 -22.20
C MET B 66 -9.07 -0.60 -23.00
N ASN B 67 -8.78 -1.74 -22.36
CA ASN B 67 -9.05 -3.02 -22.97
C ASN B 67 -10.52 -3.35 -22.93
N ASP B 68 -11.30 -2.80 -22.01
CA ASP B 68 -12.71 -3.11 -21.88
C ASP B 68 -13.60 -1.99 -22.41
N LYS B 69 -14.87 -2.34 -22.66
CA LYS B 69 -15.82 -1.42 -23.25
C LYS B 69 -16.44 -0.60 -22.14
N ILE B 70 -15.90 0.58 -21.93
CA ILE B 70 -16.43 1.50 -20.94
C ILE B 70 -17.56 2.38 -21.50
N VAL B 71 -17.78 2.40 -22.80
CA VAL B 71 -18.93 3.06 -23.39
C VAL B 71 -19.56 2.05 -24.36
N ILE B 72 -20.09 0.97 -23.81
CA ILE B 72 -20.55 -0.11 -24.66
C ILE B 72 -21.72 0.36 -25.49
N GLU B 73 -21.82 -0.16 -26.70
CA GLU B 73 -23.03 0.04 -27.52
C GLU B 73 -23.97 -1.07 -27.10
N LYS B 74 -24.91 -0.77 -26.21
CA LYS B 74 -25.78 -1.80 -25.65
C LYS B 74 -26.76 -2.24 -26.73
N GLN B 75 -26.98 -3.54 -26.81
CA GLN B 75 -27.79 -4.15 -27.85
C GLN B 75 -29.23 -3.68 -27.73
N GLY B 76 -29.80 -3.30 -28.85
CA GLY B 76 -31.17 -2.85 -28.92
C GLY B 76 -32.17 -3.98 -29.12
N LYS B 77 -32.94 -3.85 -30.21
CA LYS B 77 -34.11 -4.70 -30.42
C LYS B 77 -33.98 -5.61 -31.65
N SER B 90 -13.39 -8.99 -25.36
CA SER B 90 -13.33 -7.72 -24.63
C SER B 90 -14.55 -7.57 -23.71
N ILE B 91 -14.29 -7.56 -22.40
CA ILE B 91 -15.37 -7.46 -21.44
C ILE B 91 -15.98 -6.05 -21.50
N ALA B 92 -17.20 -5.94 -20.97
CA ALA B 92 -17.87 -4.65 -20.81
C ALA B 92 -17.94 -4.28 -19.33
N ILE B 93 -17.78 -2.99 -19.04
CA ILE B 93 -17.90 -2.49 -17.68
C ILE B 93 -19.35 -2.11 -17.47
N ASP B 94 -19.99 -2.69 -16.44
CA ASP B 94 -21.43 -2.59 -16.21
C ASP B 94 -21.86 -1.14 -16.19
N ASP B 95 -21.72 -0.51 -15.04
CA ASP B 95 -22.16 0.87 -14.81
C ASP B 95 -20.91 1.69 -14.86
N CYS B 96 -21.00 2.92 -15.44
CA CYS B 96 -19.89 3.85 -15.60
C CYS B 96 -20.41 5.26 -15.54
N THR B 97 -19.85 6.08 -14.65
CA THR B 97 -20.17 7.50 -14.53
C THR B 97 -18.90 8.31 -14.71
N PHE B 98 -19.00 9.36 -15.55
CA PHE B 98 -17.82 10.06 -16.06
C PHE B 98 -17.81 11.48 -15.57
N HIS B 99 -16.62 12.05 -15.52
CA HIS B 99 -16.45 13.47 -15.25
C HIS B 99 -17.07 14.30 -16.37
N GLN B 100 -17.48 15.54 -16.06
CA GLN B 100 -18.19 16.35 -17.04
C GLN B 100 -17.35 16.63 -18.29
N CYS B 101 -16.03 16.55 -18.20
CA CYS B 101 -15.18 16.82 -19.37
C CYS B 101 -15.23 15.71 -20.41
N VAL B 102 -15.83 14.56 -20.09
CA VAL B 102 -15.69 13.39 -20.94
C VAL B 102 -16.63 13.50 -22.13
N ARG B 103 -16.13 13.16 -23.30
CA ARG B 103 -16.88 13.12 -24.54
C ARG B 103 -16.70 11.77 -25.21
N LEU B 104 -17.71 11.39 -25.98
CA LEU B 104 -17.64 10.22 -26.85
C LEU B 104 -16.49 10.37 -27.84
N SER B 105 -15.70 9.31 -27.99
CA SER B 105 -14.62 9.33 -28.97
C SER B 105 -15.18 9.07 -30.34
N LYS B 106 -14.55 9.69 -31.35
CA LYS B 106 -14.93 9.44 -32.75
C LYS B 106 -14.53 8.04 -33.18
N PHE B 107 -13.36 7.58 -32.80
CA PHE B 107 -12.92 6.23 -33.12
C PHE B 107 -12.67 5.44 -31.86
N ASP B 108 -12.73 4.11 -31.98
CA ASP B 108 -12.61 3.25 -30.84
C ASP B 108 -13.53 3.72 -29.72
N SER B 109 -14.82 4.00 -30.08
CA SER B 109 -15.73 4.72 -29.19
C SER B 109 -16.35 3.87 -28.08
N GLU B 110 -16.20 2.57 -28.09
CA GLU B 110 -16.62 1.75 -26.98
C GLU B 110 -15.54 1.57 -25.92
N ARG B 111 -14.27 1.63 -26.29
CA ARG B 111 -13.20 1.38 -25.34
C ARG B 111 -12.48 2.64 -24.88
N SER B 112 -12.74 3.77 -25.50
CA SER B 112 -12.01 4.99 -25.19
C SER B 112 -12.96 6.14 -24.93
N ILE B 113 -12.39 7.20 -24.37
CA ILE B 113 -13.04 8.48 -24.11
C ILE B 113 -12.04 9.59 -24.41
N SER B 114 -12.57 10.76 -24.74
CA SER B 114 -11.84 11.94 -25.12
C SER B 114 -12.25 13.11 -24.24
N PHE B 115 -11.27 13.95 -23.93
CA PHE B 115 -11.55 15.05 -23.04
C PHE B 115 -10.36 16.00 -23.00
N ILE B 116 -10.67 17.22 -22.63
CA ILE B 116 -9.70 18.16 -22.10
C ILE B 116 -9.88 18.13 -20.58
N PRO B 117 -8.87 17.76 -19.81
CA PRO B 117 -9.05 17.53 -18.37
C PRO B 117 -8.94 18.84 -17.59
N PRO B 118 -9.56 18.90 -16.41
CA PRO B 118 -9.22 19.95 -15.44
C PRO B 118 -7.76 19.84 -15.07
N ASP B 119 -7.25 20.92 -14.46
CA ASP B 119 -5.90 20.94 -13.91
C ASP B 119 -5.88 20.23 -12.56
N GLY B 120 -4.73 19.65 -12.19
CA GLY B 120 -4.62 18.97 -10.89
C GLY B 120 -5.34 17.64 -10.87
N GLU B 121 -5.95 17.33 -9.73
CA GLU B 121 -6.50 16.01 -9.46
C GLU B 121 -8.01 15.99 -9.65
N PHE B 122 -8.51 14.95 -10.31
CA PHE B 122 -9.95 14.81 -10.48
C PHE B 122 -10.29 13.35 -10.73
N GLU B 123 -11.57 13.03 -10.57
CA GLU B 123 -12.06 11.70 -10.82
C GLU B 123 -12.53 11.64 -12.28
N LEU B 124 -11.87 10.84 -13.08
CA LEU B 124 -12.22 10.74 -14.48
C LEU B 124 -13.45 9.88 -14.69
N MET B 125 -13.55 8.78 -13.91
CA MET B 125 -14.70 7.90 -14.01
C MET B 125 -14.83 7.01 -12.79
N ARG B 126 -16.02 6.49 -12.60
CA ARG B 126 -16.26 5.43 -11.61
C ARG B 126 -17.16 4.41 -12.24
N TYR B 127 -17.07 3.19 -11.73
CA TYR B 127 -17.66 2.07 -12.42
C TYR B 127 -17.81 0.89 -11.48
N ARG B 128 -18.46 -0.16 -11.99
CA ARG B 128 -18.77 -1.35 -11.21
C ARG B 128 -18.81 -2.49 -12.18
N THR B 129 -18.32 -3.64 -11.79
CA THR B 129 -18.38 -4.84 -12.61
C THR B 129 -18.75 -5.99 -11.69
N THR B 130 -19.36 -7.03 -12.28
CA THR B 130 -19.78 -8.23 -11.56
C THR B 130 -19.37 -9.53 -12.26
N LYS B 131 -18.68 -9.45 -13.38
CA LYS B 131 -18.36 -10.63 -14.17
C LYS B 131 -16.92 -10.54 -14.61
N ASP B 132 -16.30 -11.71 -14.83
CA ASP B 132 -14.93 -11.83 -15.28
C ASP B 132 -13.94 -11.19 -14.30
N ILE B 133 -14.27 -11.23 -13.04
CA ILE B 133 -13.42 -10.67 -12.00
C ILE B 133 -12.26 -11.60 -11.70
N ILE B 134 -11.08 -11.02 -11.56
CA ILE B 134 -9.91 -11.78 -11.12
C ILE B 134 -9.95 -11.78 -9.60
N LEU B 135 -10.14 -12.96 -9.03
CA LEU B 135 -10.14 -13.08 -7.57
C LEU B 135 -8.68 -13.31 -7.14
N PRO B 136 -8.00 -12.31 -6.57
CA PRO B 136 -6.54 -12.47 -6.39
C PRO B 136 -6.16 -13.60 -5.48
N PHE B 137 -7.01 -13.96 -4.49
CA PHE B 137 -6.70 -15.08 -3.59
C PHE B 137 -7.81 -16.11 -3.57
N ARG B 138 -7.43 -17.35 -3.47
CA ARG B 138 -8.36 -18.44 -3.22
C ARG B 138 -8.03 -18.99 -1.84
N VAL B 139 -9.05 -18.99 -0.97
CA VAL B 139 -8.95 -19.52 0.38
C VAL B 139 -9.53 -20.93 0.38
N ILE B 140 -8.79 -21.90 0.85
CA ILE B 140 -9.25 -23.28 0.89
C ILE B 140 -9.30 -23.75 2.34
N PRO B 141 -10.47 -23.74 2.97
CA PRO B 141 -10.57 -24.09 4.39
C PRO B 141 -10.81 -25.57 4.60
N LEU B 142 -10.28 -26.08 5.69
CA LEU B 142 -10.56 -27.44 6.12
C LEU B 142 -10.75 -27.38 7.63
N VAL B 143 -11.99 -27.51 8.08
CA VAL B 143 -12.33 -27.49 9.51
C VAL B 143 -12.93 -28.84 9.83
N ARG B 144 -12.23 -29.62 10.67
CA ARG B 144 -12.52 -31.03 10.87
C ARG B 144 -12.83 -31.28 12.35
N GLU B 145 -14.05 -31.74 12.63
CA GLU B 145 -14.47 -32.04 14.00
C GLU B 145 -13.85 -33.37 14.44
N VAL B 146 -13.27 -33.36 15.63
CA VAL B 146 -12.65 -34.55 16.23
C VAL B 146 -13.34 -34.74 17.58
N GLY B 147 -14.22 -35.73 17.66
CA GLY B 147 -14.97 -35.88 18.87
C GLY B 147 -15.88 -34.67 19.06
N ARG B 148 -16.10 -34.32 20.32
CA ARG B 148 -16.85 -33.13 20.67
C ARG B 148 -15.95 -32.07 21.28
N THR B 149 -14.64 -32.36 21.41
CA THR B 149 -13.73 -31.50 22.16
C THR B 149 -12.62 -30.86 21.33
N LYS B 150 -12.49 -31.19 20.05
CA LYS B 150 -11.39 -30.68 19.25
C LYS B 150 -11.86 -30.30 17.85
N LEU B 151 -11.28 -29.23 17.33
CA LEU B 151 -11.37 -28.87 15.92
C LEU B 151 -9.98 -28.80 15.34
N GLU B 152 -9.75 -29.50 14.25
CA GLU B 152 -8.54 -29.35 13.47
C GLU B 152 -8.82 -28.38 12.32
N VAL B 153 -7.96 -27.38 12.15
CA VAL B 153 -8.14 -26.32 11.16
C VAL B 153 -6.88 -26.26 10.30
N LYS B 154 -7.05 -26.37 9.01
CA LYS B 154 -6.02 -26.10 8.03
C LYS B 154 -6.63 -25.13 7.01
N VAL B 155 -5.95 -24.00 6.79
CA VAL B 155 -6.39 -23.00 5.83
C VAL B 155 -5.24 -22.77 4.89
N VAL B 156 -5.48 -22.96 3.62
CA VAL B 156 -4.52 -22.72 2.54
C VAL B 156 -5.00 -21.48 1.78
N ILE B 157 -4.08 -20.58 1.46
CA ILE B 157 -4.36 -19.51 0.50
C ILE B 157 -3.47 -19.64 -0.72
N LYS B 158 -4.05 -19.43 -1.88
CA LYS B 158 -3.35 -19.43 -3.15
C LYS B 158 -3.48 -18.04 -3.74
N SER B 159 -2.37 -17.53 -4.27
CA SER B 159 -2.34 -16.24 -4.96
C SER B 159 -2.53 -16.53 -6.43
N ASN B 160 -3.58 -15.97 -7.03
CA ASN B 160 -3.95 -16.18 -8.43
C ASN B 160 -3.73 -14.90 -9.24
N PHE B 161 -2.46 -14.64 -9.57
CA PHE B 161 -2.11 -13.50 -10.42
C PHE B 161 -0.64 -13.73 -10.85
N LYS B 162 -0.17 -12.88 -11.76
CA LYS B 162 1.15 -13.04 -12.36
C LYS B 162 2.20 -13.28 -11.28
N PRO B 163 3.12 -14.23 -11.48
CA PRO B 163 4.11 -14.55 -10.45
C PRO B 163 5.19 -13.48 -10.27
N SER B 164 5.27 -12.47 -11.18
CA SER B 164 6.16 -11.34 -10.98
C SER B 164 5.59 -10.23 -10.13
N LEU B 165 4.29 -10.27 -9.77
CA LEU B 165 3.66 -9.25 -8.95
C LEU B 165 3.54 -9.74 -7.52
N LEU B 166 3.49 -8.78 -6.62
CA LEU B 166 3.42 -9.05 -5.19
C LEU B 166 2.17 -8.39 -4.63
N ALA B 167 1.33 -9.19 -3.97
CA ALA B 167 0.34 -8.66 -3.04
C ALA B 167 1.02 -8.17 -1.76
N GLN B 168 0.42 -7.20 -1.12
CA GLN B 168 0.91 -6.70 0.14
C GLN B 168 -0.22 -6.61 1.17
N LYS B 169 0.20 -6.49 2.45
CA LYS B 169 -0.71 -6.16 3.59
C LYS B 169 -1.86 -7.18 3.70
N ILE B 170 -1.48 -8.43 3.61
CA ILE B 170 -2.41 -9.55 3.60
C ILE B 170 -2.77 -9.89 5.04
N GLU B 171 -4.06 -10.07 5.26
CA GLU B 171 -4.60 -10.52 6.55
C GLU B 171 -5.69 -11.52 6.28
N VAL B 172 -5.59 -12.68 6.93
CA VAL B 172 -6.61 -13.74 6.90
C VAL B 172 -7.18 -13.88 8.31
N ARG B 173 -8.50 -13.83 8.41
CA ARG B 173 -9.18 -13.88 9.71
C ARG B 173 -10.02 -15.16 9.74
N ILE B 174 -9.66 -16.07 10.63
CA ILE B 174 -10.26 -17.39 10.74
C ILE B 174 -11.11 -17.43 12.00
N PRO B 175 -12.42 -17.60 11.90
CA PRO B 175 -13.26 -17.57 13.11
C PRO B 175 -13.06 -18.81 13.97
N THR B 176 -13.21 -18.61 15.26
CA THR B 176 -13.22 -19.68 16.25
C THR B 176 -14.54 -19.64 17.02
N PRO B 177 -15.01 -20.77 17.53
CA PRO B 177 -16.30 -20.80 18.24
C PRO B 177 -16.24 -20.21 19.64
N LEU B 178 -17.41 -19.93 20.15
CA LEU B 178 -17.49 -19.19 21.42
C LEU B 178 -17.13 -20.07 22.59
N ASN B 179 -17.25 -21.40 22.42
CA ASN B 179 -16.86 -22.37 23.43
C ASN B 179 -15.42 -22.85 23.23
N THR B 180 -14.55 -22.01 22.66
CA THR B 180 -13.14 -22.33 22.48
C THR B 180 -12.46 -22.28 23.84
N SER B 181 -11.79 -23.37 24.24
CA SER B 181 -11.03 -23.33 25.48
C SER B 181 -9.55 -23.04 25.27
N GLY B 182 -9.00 -23.36 24.11
CA GLY B 182 -7.61 -23.06 23.81
C GLY B 182 -7.29 -23.38 22.37
N VAL B 183 -6.29 -22.66 21.83
CA VAL B 183 -5.89 -22.94 20.45
C VAL B 183 -4.38 -22.94 20.30
N GLN B 184 -3.88 -23.89 19.54
CA GLN B 184 -2.49 -23.94 19.11
C GLN B 184 -2.46 -23.62 17.64
N VAL B 185 -1.50 -22.81 17.22
CA VAL B 185 -1.36 -22.36 15.85
C VAL B 185 0.06 -22.65 15.36
N ILE B 186 0.16 -23.24 14.19
CA ILE B 186 1.44 -23.39 13.49
C ILE B 186 1.40 -22.56 12.20
N CYS B 187 1.99 -21.40 12.26
CA CYS B 187 2.11 -20.42 11.17
C CYS B 187 3.41 -20.65 10.41
N MET B 188 3.33 -20.72 9.11
CA MET B 188 4.45 -20.99 8.22
C MET B 188 4.78 -19.77 7.36
N LYS B 189 4.05 -18.67 7.48
CA LYS B 189 4.38 -17.48 6.69
C LYS B 189 3.79 -16.29 7.41
N GLY B 190 4.59 -15.24 7.56
CA GLY B 190 4.15 -14.09 8.34
C GLY B 190 4.01 -14.44 9.80
N LYS B 191 2.93 -13.98 10.42
CA LYS B 191 2.71 -14.15 11.84
C LYS B 191 1.23 -14.42 12.05
N ALA B 192 0.88 -15.02 13.18
CA ALA B 192 -0.51 -15.29 13.47
C ALA B 192 -0.68 -15.37 14.97
N LYS B 193 -1.89 -15.06 15.38
CA LYS B 193 -2.24 -15.02 16.79
C LYS B 193 -3.72 -15.36 16.91
N TYR B 194 -4.04 -16.14 17.93
CA TYR B 194 -5.41 -16.33 18.34
C TYR B 194 -5.78 -15.17 19.24
N LYS B 195 -6.81 -14.43 18.88
CA LYS B 195 -7.30 -13.27 19.66
C LYS B 195 -8.66 -13.66 20.25
N ALA B 196 -8.64 -14.12 21.50
CA ALA B 196 -9.85 -14.64 22.14
C ALA B 196 -10.96 -13.62 22.15
N SER B 197 -10.63 -12.37 22.42
CA SER B 197 -11.66 -11.33 22.49
C SER B 197 -12.33 -11.10 21.14
N GLU B 198 -11.67 -11.45 20.04
CA GLU B 198 -12.26 -11.34 18.72
C GLU B 198 -12.73 -12.68 18.19
N ASN B 199 -12.55 -13.77 18.95
CA ASN B 199 -12.91 -15.09 18.45
C ASN B 199 -12.38 -15.32 17.04
N ALA B 200 -11.10 -15.06 16.82
CA ALA B 200 -10.50 -15.30 15.53
C ALA B 200 -9.01 -15.59 15.70
N ILE B 201 -8.50 -16.41 14.81
CA ILE B 201 -7.08 -16.49 14.54
C ILE B 201 -6.82 -15.47 13.44
N VAL B 202 -5.91 -14.52 13.69
CA VAL B 202 -5.55 -13.46 12.74
C VAL B 202 -4.13 -13.73 12.23
N TRP B 203 -4.03 -13.99 10.95
CA TRP B 203 -2.82 -14.32 10.23
C TRP B 203 -2.47 -13.17 9.29
N LYS B 204 -1.28 -12.59 9.48
CA LYS B 204 -0.81 -11.43 8.71
C LYS B 204 0.42 -11.81 7.93
N ILE B 205 0.39 -11.48 6.64
CA ILE B 205 1.49 -11.73 5.74
C ILE B 205 1.88 -10.41 5.05
N LYS B 206 3.16 -10.05 5.12
CA LYS B 206 3.58 -8.74 4.60
C LYS B 206 3.49 -8.66 3.07
N ARG B 207 3.89 -9.72 2.39
CA ARG B 207 3.85 -9.75 0.94
C ARG B 207 3.77 -11.19 0.49
N MET B 208 3.26 -11.35 -0.72
CA MET B 208 3.18 -12.67 -1.32
C MET B 208 3.12 -12.54 -2.83
N ALA B 209 3.94 -13.31 -3.51
CA ALA B 209 4.00 -13.23 -4.95
C ALA B 209 2.89 -14.10 -5.55
N GLY B 210 2.59 -13.81 -6.83
CA GLY B 210 1.62 -14.59 -7.57
C GLY B 210 1.97 -16.06 -7.75
N MET B 211 0.92 -16.89 -7.86
CA MET B 211 1.04 -18.32 -8.17
C MET B 211 1.81 -19.03 -7.08
N LYS B 212 1.50 -18.73 -5.85
CA LYS B 212 2.12 -19.35 -4.68
C LYS B 212 0.99 -19.78 -3.75
N GLU B 213 1.33 -20.60 -2.79
CA GLU B 213 0.43 -21.11 -1.77
C GLU B 213 1.09 -20.89 -0.44
N SER B 214 0.30 -20.63 0.58
CA SER B 214 0.78 -20.72 1.94
C SER B 214 -0.33 -21.34 2.80
N GLN B 215 0.02 -21.79 4.00
CA GLN B 215 -0.99 -22.44 4.81
C GLN B 215 -0.73 -22.18 6.28
N ILE B 216 -1.77 -22.28 7.05
CA ILE B 216 -1.74 -22.19 8.49
C ILE B 216 -2.54 -23.40 8.97
N SER B 217 -2.11 -23.93 10.12
CA SER B 217 -2.79 -25.02 10.82
C SER B 217 -3.06 -24.66 12.27
N ALA B 218 -4.17 -25.16 12.79
CA ALA B 218 -4.51 -24.84 14.15
C ALA B 218 -5.18 -26.06 14.78
N GLU B 219 -4.98 -26.21 16.10
CA GLU B 219 -5.71 -27.17 16.92
C GLU B 219 -6.51 -26.40 17.93
N ILE B 220 -7.83 -26.55 17.89
CA ILE B 220 -8.76 -25.81 18.75
C ILE B 220 -9.38 -26.79 19.72
N GLU B 221 -9.20 -26.54 21.02
CA GLU B 221 -9.85 -27.36 22.03
C GLU B 221 -11.18 -26.72 22.37
N LEU B 222 -12.20 -27.56 22.51
CA LEU B 222 -13.55 -27.06 22.78
C LEU B 222 -13.99 -27.48 24.19
N LEU B 223 -14.53 -26.52 24.96
CA LEU B 223 -15.26 -26.87 26.17
C LEU B 223 -16.67 -27.33 25.78
N PRO B 224 -17.00 -28.62 25.93
CA PRO B 224 -18.30 -29.10 25.42
C PRO B 224 -19.45 -28.47 26.20
N THR B 225 -20.32 -27.77 25.51
CA THR B 225 -21.46 -27.09 26.10
C THR B 225 -22.71 -27.89 25.71
N ASN B 226 -23.24 -28.67 26.65
CA ASN B 226 -24.56 -29.25 26.42
C ASN B 226 -25.53 -28.10 26.14
N ASP B 227 -26.31 -28.25 25.07
CA ASP B 227 -27.14 -27.19 24.50
C ASP B 227 -26.47 -26.63 23.25
N LYS B 228 -27.11 -25.65 22.60
CA LYS B 228 -26.65 -25.07 21.34
C LYS B 228 -27.18 -25.90 20.17
N LYS B 229 -27.47 -25.25 19.04
CA LYS B 229 -27.90 -25.95 17.84
C LYS B 229 -26.69 -26.53 17.09
N LYS B 230 -25.63 -25.73 16.98
CA LYS B 230 -24.37 -26.05 16.32
C LYS B 230 -23.68 -24.70 16.15
N TRP B 231 -22.41 -24.70 15.77
CA TRP B 231 -21.70 -23.45 15.53
C TRP B 231 -22.07 -22.90 14.16
N ALA B 232 -22.72 -21.75 14.13
CA ALA B 232 -22.98 -21.07 12.85
C ALA B 232 -21.70 -20.34 12.47
N ARG B 233 -20.91 -20.91 11.58
CA ARG B 233 -19.55 -20.44 11.35
C ARG B 233 -19.56 -19.13 10.56
N PRO B 234 -19.03 -18.04 11.09
CA PRO B 234 -18.74 -16.87 10.23
C PRO B 234 -17.80 -17.30 9.11
N PRO B 235 -17.75 -16.57 8.01
CA PRO B 235 -16.77 -16.90 6.95
C PRO B 235 -15.35 -16.48 7.34
N ILE B 236 -14.36 -17.05 6.66
CA ILE B 236 -12.98 -16.56 6.70
C ILE B 236 -12.88 -15.30 5.82
N SER B 237 -12.38 -14.24 6.36
CA SER B 237 -12.23 -12.96 5.68
C SER B 237 -10.78 -12.66 5.39
N MET B 238 -10.54 -11.97 4.27
CA MET B 238 -9.19 -11.51 3.92
C MET B 238 -9.18 -10.00 3.70
N ASN B 239 -8.05 -9.39 4.04
CA ASN B 239 -7.64 -8.09 3.57
C ASN B 239 -6.40 -8.29 2.70
N PHE B 240 -6.28 -7.41 1.68
CA PHE B 240 -5.05 -7.41 0.88
C PHE B 240 -5.02 -6.18 0.00
N GLU B 241 -3.85 -5.96 -0.60
CA GLU B 241 -3.62 -4.95 -1.64
C GLU B 241 -2.86 -5.60 -2.77
N VAL B 242 -3.26 -5.34 -4.01
CA VAL B 242 -2.62 -5.96 -5.17
C VAL B 242 -2.35 -4.88 -6.22
N PRO B 243 -1.27 -4.99 -6.98
CA PRO B 243 -0.90 -3.92 -7.91
C PRO B 243 -1.53 -4.11 -9.29
N PHE B 244 -2.77 -4.59 -9.34
CA PHE B 244 -3.48 -4.72 -10.60
C PHE B 244 -4.95 -4.50 -10.31
N ALA B 245 -5.72 -4.35 -11.38
CA ALA B 245 -7.19 -4.19 -11.29
C ALA B 245 -7.89 -5.54 -11.26
N PRO B 246 -8.53 -5.93 -10.18
CA PRO B 246 -9.25 -7.23 -10.21
C PRO B 246 -10.40 -7.28 -11.25
N SER B 247 -10.89 -6.14 -11.72
CA SER B 247 -11.88 -6.15 -12.82
C SER B 247 -11.29 -6.66 -14.09
N GLY B 248 -9.95 -6.70 -14.17
CA GLY B 248 -9.28 -6.96 -15.44
C GLY B 248 -9.05 -5.72 -16.29
N LEU B 249 -9.49 -4.55 -15.82
CA LEU B 249 -9.30 -3.33 -16.60
C LEU B 249 -7.82 -2.99 -16.74
N LYS B 250 -7.42 -2.63 -17.96
CA LYS B 250 -6.07 -2.18 -18.31
C LYS B 250 -6.12 -1.02 -19.30
N VAL B 251 -5.23 -0.06 -19.09
CA VAL B 251 -5.04 1.04 -20.01
C VAL B 251 -4.34 0.51 -21.26
N ARG B 252 -4.96 0.70 -22.41
CA ARG B 252 -4.33 0.37 -23.69
C ARG B 252 -3.55 1.56 -24.24
N TYR B 253 -4.06 2.80 -24.09
CA TYR B 253 -3.32 3.96 -24.54
C TYR B 253 -3.76 5.17 -23.75
N LEU B 254 -2.85 6.11 -23.68
CA LEU B 254 -3.09 7.39 -23.04
C LEU B 254 -2.51 8.41 -24.00
N LYS B 255 -3.34 9.02 -24.81
CA LYS B 255 -2.87 9.99 -25.77
C LYS B 255 -3.06 11.39 -25.20
N VAL B 256 -2.08 12.24 -25.46
CA VAL B 256 -2.15 13.64 -25.07
C VAL B 256 -1.64 14.44 -26.23
N PHE B 257 -2.33 15.53 -26.62
CA PHE B 257 -1.80 16.40 -27.66
C PHE B 257 -2.18 17.86 -27.41
N GLU B 258 -1.18 18.71 -27.48
CA GLU B 258 -1.35 20.14 -27.30
C GLU B 258 -0.75 20.78 -28.56
N PRO B 259 -1.56 21.11 -29.56
CA PRO B 259 -1.00 21.61 -30.84
C PRO B 259 -0.39 23.00 -30.75
N LYS B 260 -0.91 23.87 -29.90
CA LYS B 260 -0.35 25.21 -29.80
C LYS B 260 1.03 25.19 -29.16
N LEU B 261 1.20 24.46 -28.05
CA LEU B 261 2.52 24.33 -27.47
C LEU B 261 3.35 23.27 -28.16
N ASN B 262 2.71 22.42 -28.98
CA ASN B 262 3.35 21.36 -29.74
C ASN B 262 4.10 20.35 -28.85
N TYR B 263 3.33 19.67 -28.01
CA TYR B 263 3.85 18.51 -27.29
C TYR B 263 2.77 17.43 -27.30
N SER B 264 3.20 16.21 -27.16
CA SER B 264 2.32 15.07 -27.12
C SER B 264 2.71 14.18 -25.93
N ASP B 265 1.96 13.08 -25.78
CA ASP B 265 2.15 12.15 -24.67
C ASP B 265 3.57 11.65 -24.61
N HIS B 266 4.27 11.64 -25.73
CA HIS B 266 5.66 11.18 -25.68
C HIS B 266 6.63 12.22 -25.13
N ASP B 267 6.20 13.46 -24.95
CA ASP B 267 6.96 14.46 -24.21
C ASP B 267 6.44 14.61 -22.78
N VAL B 268 5.53 13.73 -22.35
CA VAL B 268 4.87 13.86 -21.05
C VAL B 268 5.39 12.73 -20.16
N ILE B 269 5.75 13.06 -18.92
CA ILE B 269 6.06 12.01 -17.96
C ILE B 269 4.75 11.42 -17.47
N LYS B 270 4.51 10.18 -17.82
CA LYS B 270 3.29 9.45 -17.51
C LYS B 270 3.57 8.32 -16.51
N TRP B 271 2.61 8.06 -15.61
CA TRP B 271 2.73 6.93 -14.69
C TRP B 271 1.35 6.40 -14.40
N VAL B 272 1.10 5.15 -14.77
CA VAL B 272 -0.20 4.52 -14.53
C VAL B 272 -0.01 3.56 -13.37
N ARG B 273 -0.81 3.69 -12.32
CA ARG B 273 -0.79 2.77 -11.19
C ARG B 273 -2.18 2.10 -11.05
N TYR B 274 -2.15 0.80 -10.77
CA TYR B 274 -3.32 -0.02 -10.45
C TYR B 274 -3.27 -0.33 -8.97
N ILE B 275 -4.28 0.08 -8.23
CA ILE B 275 -4.37 -0.23 -6.81
C ILE B 275 -5.64 -1.03 -6.55
N GLY B 276 -5.51 -2.34 -6.44
CA GLY B 276 -6.61 -3.22 -6.08
C GLY B 276 -6.56 -3.50 -4.59
N ARG B 277 -7.70 -3.37 -3.96
CA ARG B 277 -7.86 -3.62 -2.54
C ARG B 277 -9.03 -4.57 -2.33
N SER B 278 -8.91 -5.36 -1.26
CA SER B 278 -10.06 -6.10 -0.77
C SER B 278 -11.13 -5.18 -0.26
N GLY B 279 -12.36 -5.52 -0.55
CA GLY B 279 -13.44 -4.89 0.20
C GLY B 279 -13.95 -5.91 1.22
N ILE B 280 -15.11 -6.54 0.97
CA ILE B 280 -15.61 -7.66 1.76
C ILE B 280 -15.29 -8.90 0.98
N TYR B 281 -14.32 -9.68 1.47
CA TYR B 281 -13.72 -10.77 0.68
C TYR B 281 -13.75 -12.02 1.56
N GLU B 282 -14.83 -12.78 1.44
CA GLU B 282 -15.22 -13.80 2.42
C GLU B 282 -15.34 -15.17 1.79
N THR B 283 -14.92 -16.20 2.53
CA THR B 283 -14.93 -17.57 2.07
C THR B 283 -15.55 -18.37 3.19
N ARG B 284 -16.71 -18.98 2.93
CA ARG B 284 -17.38 -19.76 3.96
C ARG B 284 -16.54 -21.01 4.29
N CYS B 285 -16.60 -21.44 5.55
CA CYS B 285 -15.85 -22.59 6.03
C CYS B 285 -16.73 -23.58 6.78
C1 GOL C . 8.30 -8.96 -16.25
O1 GOL C . 9.55 -8.17 -16.23
C2 GOL C . 7.29 -8.01 -16.90
O2 GOL C . 7.75 -7.55 -18.15
C3 GOL C . 5.94 -8.77 -17.11
O3 GOL C . 5.79 -9.65 -16.04
H11 GOL C . 8.00 -9.22 -15.37
H12 GOL C . 8.38 -9.78 -16.77
HO1 GOL C . 10.15 -8.74 -16.04
H2 GOL C . 7.17 -7.27 -16.30
HO2 GOL C . 7.18 -6.97 -18.44
H31 GOL C . 5.96 -9.20 -17.97
H32 GOL C . 5.23 -8.11 -17.16
HO3 GOL C . 5.10 -10.11 -16.20
C1 GOL D . 8.70 -6.73 -11.13
O1 GOL D . 7.25 -6.49 -10.94
C2 GOL D . 9.44 -6.22 -9.85
O2 GOL D . 10.81 -6.58 -9.86
C3 GOL D . 9.17 -4.70 -9.80
O3 GOL D . 10.14 -4.18 -8.95
H11 GOL D . 9.05 -6.27 -11.90
H12 GOL D . 8.90 -7.67 -11.26
HO1 GOL D . 6.86 -7.08 -11.41
H2 GOL D . 9.09 -6.65 -9.06
HO2 GOL D . 11.18 -6.14 -9.24
H31 GOL D . 8.27 -4.55 -9.50
H32 GOL D . 9.21 -4.33 -10.70
HO3 GOL D . 10.48 -3.51 -9.33
C1 GOL E . 9.54 15.76 -1.44
O1 GOL E . 8.56 16.28 -2.38
C2 GOL E . 10.88 16.36 -1.88
O2 GOL E . 11.98 15.69 -1.36
C3 GOL E . 10.94 16.31 -3.43
O3 GOL E . 12.33 16.40 -3.78
H11 GOL E . 9.59 14.79 -1.46
H12 GOL E . 9.35 16.01 -0.52
HO1 GOL E . 7.94 15.69 -2.43
H2 GOL E . 10.89 17.27 -1.56
HO2 GOL E . 11.82 15.55 -0.52
H31 GOL E . 10.51 15.49 -3.74
H32 GOL E . 10.39 17.03 -3.79
HO3 GOL E . 12.63 17.11 -3.42
C1 GOL F . 18.95 12.49 7.72
O1 GOL F . 20.04 12.03 8.32
C2 GOL F . 18.02 13.04 8.78
O2 GOL F . 18.54 14.13 9.53
C3 GOL F . 17.79 11.91 9.73
O3 GOL F . 17.53 12.55 11.00
H11 GOL F . 18.48 11.79 7.22
H12 GOL F . 19.15 13.19 7.08
H2 GOL F . 17.23 13.35 8.32
HO2 GOL F . 17.97 14.34 10.10
H31 GOL F . 17.06 11.37 9.41
H32 GOL F . 18.56 11.33 9.74
HO3 GOL F . 18.08 12.22 11.56
C1 GOL G . 28.47 -2.44 6.89
O1 GOL G . 28.99 -2.80 8.14
C2 GOL G . 27.65 -1.09 7.07
O2 GOL G . 28.28 -0.30 8.05
C3 GOL G . 27.56 -0.44 5.61
O3 GOL G . 27.61 0.97 5.65
H11 GOL G . 27.88 -3.12 6.53
H12 GOL G . 29.16 -2.30 6.22
HO1 GOL G . 28.70 -2.22 8.71
H2 GOL G . 26.73 -1.22 7.39
H31 GOL G . 26.74 -0.77 5.20
H32 GOL G . 28.28 -0.81 5.08
HO3 GOL G . 27.85 1.17 6.49
C1 GOL H . 0.79 21.33 30.44
O1 GOL H . 1.32 20.19 31.18
C2 GOL H . -0.20 22.10 31.35
O2 GOL H . -0.75 21.33 32.34
C3 GOL H . 0.68 23.21 31.97
O3 GOL H . 1.79 22.64 32.58
H11 GOL H . 0.32 21.06 29.64
H12 GOL H . 1.49 21.93 30.15
HO1 GOL H . 0.69 19.88 31.63
H2 GOL H . -0.95 22.44 30.84
HO2 GOL H . -0.18 21.26 32.99
H31 GOL H . 0.92 23.84 31.26
H32 GOL H . 0.13 23.72 32.58
HO3 GOL H . 2.40 23.25 32.63
C1 CIT I . 9.20 -12.81 -1.81
O1 CIT I . 8.81 -13.25 -2.95
O2 CIT I . 8.73 -11.73 -1.38
C2 CIT I . 10.19 -13.55 -0.92
C3 CIT I . 9.68 -14.97 -0.65
O7 CIT I . 9.49 -15.69 -1.91
C4 CIT I . 10.65 -15.77 0.23
C5 CIT I . 10.74 -17.20 -0.27
O3 CIT I . 10.13 -18.11 0.33
O4 CIT I . 11.42 -17.52 -1.29
C6 CIT I . 8.33 -14.87 0.06
O5 CIT I . 7.61 -13.82 0.04
O6 CIT I . 7.93 -15.88 0.67
H21 CIT I . 10.32 -13.02 0.01
H22 CIT I . 11.15 -13.61 -1.43
HO7 CIT I . 8.55 -15.92 -2.01
H41 CIT I . 11.63 -15.31 0.21
H42 CIT I . 10.29 -15.77 1.26
C1 GOL J . -2.91 -9.96 -12.74
O1 GOL J . -2.30 -11.20 -13.04
C2 GOL J . -3.14 -9.09 -14.02
O2 GOL J . -1.99 -8.83 -14.72
C3 GOL J . -4.12 -9.88 -14.81
O3 GOL J . -5.12 -8.90 -15.34
H11 GOL J . -3.76 -10.08 -12.30
H12 GOL J . -2.37 -9.44 -12.12
H2 GOL J . -3.49 -8.22 -13.79
HO2 GOL J . -2.14 -8.19 -15.26
H31 GOL J . -4.50 -10.56 -14.23
H32 GOL J . -3.65 -10.37 -15.51
HO3 GOL J . -5.53 -8.61 -14.66
C1 GOL K . 5.08 19.82 -12.30
O1 GOL K . 6.14 20.26 -13.19
C2 GOL K . 5.49 20.12 -10.81
O2 GOL K . 6.70 19.48 -10.42
C3 GOL K . 5.62 21.67 -10.67
O3 GOL K . 6.99 22.03 -10.96
H11 GOL K . 4.90 18.88 -12.39
H12 GOL K . 4.24 20.27 -12.49
HO1 GOL K . 5.92 19.96 -13.94
H2 GOL K . 4.79 19.78 -10.22
HO2 GOL K . 7.28 19.67 -11.01
H31 GOL K . 5.34 21.94 -9.78
H32 GOL K . 4.98 22.09 -11.28
C1 GOL L . -19.70 -9.85 -3.35
O1 GOL L . -20.52 -9.12 -4.38
C2 GOL L . -20.32 -9.59 -1.94
O2 GOL L . -19.38 -9.79 -0.82
C3 GOL L . -20.83 -8.15 -2.03
O3 GOL L . -20.82 -7.68 -0.67
H11 GOL L . -18.77 -9.57 -3.34
H12 GOL L . -19.69 -10.82 -3.51
HO1 GOL L . -20.78 -9.70 -4.93
H2 GOL L . -21.03 -10.23 -1.75
HO2 GOL L . -19.81 -9.63 -0.10
H31 GOL L . -21.71 -8.14 -2.45
H32 GOL L . -20.27 -7.65 -2.64
HO3 GOL L . -21.15 -6.87 -0.70
#